data_5FKE
#
_entry.id   5FKE
#
_cell.length_a   62.670
_cell.length_b   62.670
_cell.length_c   154.430
_cell.angle_alpha   90.00
_cell.angle_beta   90.00
_cell.angle_gamma   90.00
#
_symmetry.space_group_name_H-M   'P 43 21 2'
#
loop_
_entity.id
_entity.type
_entity.pdbx_description
1 polymer 'SAM-I RIBOSWITCH'
2 non-polymer S-ADENOSYLMETHIONINE
3 non-polymer 'BARIUM ION'
4 non-polymer 'SODIUM ION'
5 non-polymer 'POTASSIUM ION'
#
_entity_poly.entity_id   1
_entity_poly.type   'polyribonucleotide'
_entity_poly.pdbx_seq_one_letter_code
;GGCUUAUCAAGAGAGGGUGAGCGACUGGCGCGAAGAGCCCCGGCAACCAGAAAUGGUGCCAAUUCCUGCAGCGGAAACGU
UGAAAGAUGAGCCG
;
_entity_poly.pdbx_strand_id   A
#